data_3O6R
#
_entry.id   3O6R
#
_cell.length_a   89.650
_cell.length_b   89.650
_cell.length_c   312.310
_cell.angle_alpha   90.000
_cell.angle_beta   90.000
_cell.angle_gamma   120.000
#
_symmetry.space_group_name_H-M   'P 63 2 2'
#
loop_
_entity.id
_entity.type
_entity.pdbx_description
1 polymer 'Chlorocatechol 1,2-dioxygenase'
2 non-polymer 'FE (III) ION'
3 non-polymer '(2R)-3-(PHOSPHONOOXY)-2-(TETRADECANOYLOXY)PROPYL PALMITATE'
4 non-polymer BENZENE-1,2,3-TRIOL
5 water water
#
_entity_poly.entity_id   1
_entity_poly.type   'polypeptide(L)'
_entity_poly.pdbx_seq_one_letter_code
;MANTRVIELFDEFTDLIRDFIVRHEITTPEYETIMQYMISVGEAGEWPLWLDAFFETTVDSVSYGKGNWTSSAIQGPFFK
EGAPLLTGKPATLPMRADEPGDRMRFTGSVRDTSGTPITGAVIDVWHSTNDGNYSFFSPALPDQYLLRGRVVPAEDGSIE
FHSIRPVPYEIPKAGPTGQLMNSYLGRHSWRPAHIHIRITADGYRPLITQLYFEGDPYLDSDSCSAVKSELVLPVNKIDI
DGETWQLVDFNFILQHN
;
_entity_poly.pdbx_strand_id   A,B
#
# COMPACT_ATOMS: atom_id res chain seq x y z
N ALA A 2 -2.66 20.13 9.11
CA ALA A 2 -3.72 19.64 8.16
C ALA A 2 -3.72 20.26 6.72
N ASN A 3 -3.34 19.44 5.74
CA ASN A 3 -3.44 19.80 4.33
C ASN A 3 -4.84 19.58 3.83
N THR A 4 -5.42 20.57 3.18
CA THR A 4 -6.80 20.38 2.76
C THR A 4 -6.88 19.61 1.45
N ARG A 5 -5.77 19.57 0.71
CA ARG A 5 -5.59 18.65 -0.43
C ARG A 5 -5.79 17.22 -0.01
N VAL A 6 -5.17 16.88 1.09
CA VAL A 6 -5.27 15.50 1.51
C VAL A 6 -6.60 15.21 2.25
N ILE A 7 -7.13 16.15 3.04
CA ILE A 7 -8.41 15.87 3.69
C ILE A 7 -9.46 15.54 2.63
N GLU A 8 -9.49 16.38 1.59
CA GLU A 8 -10.40 16.19 0.45
C GLU A 8 -10.14 14.95 -0.44
N LEU A 9 -8.90 14.66 -0.83
CA LEU A 9 -8.56 13.43 -1.58
C LEU A 9 -8.73 12.14 -0.79
N PHE A 10 -8.14 12.06 0.41
CA PHE A 10 -8.24 10.90 1.30
C PHE A 10 -9.65 10.42 1.64
N ASP A 11 -10.53 11.36 1.98
CA ASP A 11 -11.90 11.09 2.37
C ASP A 11 -12.70 10.59 1.22
N GLU A 12 -12.50 11.16 0.03
CA GLU A 12 -13.16 10.62 -1.16
C GLU A 12 -12.61 9.22 -1.36
N PHE A 13 -11.29 9.09 -1.22
CA PHE A 13 -10.65 7.84 -1.52
C PHE A 13 -11.07 6.79 -0.50
N THR A 14 -11.24 7.16 0.76
CA THR A 14 -11.79 6.14 1.69
C THR A 14 -13.20 5.73 1.22
N ASP A 15 -14.10 6.70 1.05
CA ASP A 15 -15.49 6.42 0.56
C ASP A 15 -15.57 5.54 -0.73
N LEU A 16 -14.62 5.70 -1.68
CA LEU A 16 -14.56 4.82 -2.87
C LEU A 16 -14.23 3.37 -2.57
N ILE A 17 -13.23 3.16 -1.71
CA ILE A 17 -12.70 1.83 -1.53
C ILE A 17 -13.68 1.04 -0.71
N ARG A 18 -14.44 1.74 0.12
CA ARG A 18 -15.40 1.04 0.95
C ARG A 18 -16.44 0.54 0.04
N ASP A 19 -16.87 1.40 -0.89
CA ASP A 19 -17.81 0.95 -1.91
C ASP A 19 -17.32 -0.18 -2.85
N PHE A 20 -16.03 -0.18 -3.13
CA PHE A 20 -15.42 -1.21 -3.96
C PHE A 20 -15.64 -2.54 -3.24
N ILE A 21 -15.12 -2.60 -2.03
CA ILE A 21 -15.39 -3.67 -1.07
C ILE A 21 -16.81 -4.18 -1.08
N VAL A 22 -17.80 -3.31 -0.94
CA VAL A 22 -19.22 -3.74 -0.86
C VAL A 22 -19.71 -4.29 -2.22
N ARG A 23 -19.55 -3.49 -3.29
CA ARG A 23 -19.80 -3.93 -4.69
C ARG A 23 -19.23 -5.30 -5.07
N HIS A 24 -18.03 -5.61 -4.57
CA HIS A 24 -17.32 -6.80 -4.98
C HIS A 24 -17.23 -7.85 -3.86
N GLU A 25 -18.04 -7.67 -2.80
CA GLU A 25 -18.03 -8.56 -1.64
C GLU A 25 -16.58 -8.98 -1.31
N ILE A 26 -15.81 -7.99 -0.84
CA ILE A 26 -14.49 -8.32 -0.42
C ILE A 26 -14.56 -8.98 0.96
N THR A 27 -14.20 -10.27 1.00
CA THR A 27 -14.27 -11.04 2.21
C THR A 27 -13.01 -10.83 3.02
N THR A 28 -13.06 -11.35 4.25
CA THR A 28 -11.93 -11.33 5.14
C THR A 28 -10.70 -12.09 4.69
N PRO A 29 -10.79 -13.33 4.27
CA PRO A 29 -9.55 -13.94 3.80
C PRO A 29 -9.04 -13.24 2.53
N GLU A 30 -9.96 -12.83 1.66
CA GLU A 30 -9.57 -11.98 0.56
C GLU A 30 -8.89 -10.78 1.16
N TYR A 31 -9.55 -10.15 2.12
CA TYR A 31 -8.94 -8.99 2.71
C TYR A 31 -7.56 -9.34 3.23
N GLU A 32 -7.46 -10.33 4.13
CA GLU A 32 -6.17 -10.74 4.72
C GLU A 32 -5.04 -11.00 3.72
N THR A 33 -5.41 -11.43 2.52
CA THR A 33 -4.45 -11.71 1.43
C THR A 33 -3.95 -10.41 0.77
N ILE A 34 -4.89 -9.49 0.52
CA ILE A 34 -4.53 -8.14 0.08
C ILE A 34 -3.52 -7.58 1.12
N MET A 35 -3.99 -7.36 2.36
CA MET A 35 -3.13 -6.83 3.44
C MET A 35 -1.79 -7.51 3.40
N GLN A 36 -1.82 -8.81 3.23
CA GLN A 36 -0.61 -9.60 3.36
C GLN A 36 0.32 -9.38 2.17
N TYR A 37 -0.26 -9.21 0.97
CA TYR A 37 0.49 -9.06 -0.29
C TYR A 37 1.17 -7.74 -0.24
N MET A 38 0.48 -6.72 0.24
CA MET A 38 1.06 -5.40 0.37
C MET A 38 2.26 -5.47 1.28
N ILE A 39 2.09 -6.05 2.46
CA ILE A 39 3.23 -6.21 3.32
C ILE A 39 4.44 -6.70 2.50
N SER A 40 4.26 -7.74 1.71
CA SER A 40 5.41 -8.40 1.10
C SER A 40 5.96 -7.59 -0.03
N VAL A 41 5.21 -6.58 -0.47
CA VAL A 41 5.73 -5.62 -1.44
C VAL A 41 6.67 -4.64 -0.74
N GLY A 42 6.34 -4.33 0.50
CA GLY A 42 7.25 -3.63 1.37
C GLY A 42 8.57 -4.37 1.31
N GLU A 43 8.58 -5.56 1.89
CA GLU A 43 9.78 -6.34 2.12
C GLU A 43 10.71 -6.56 0.93
N ALA A 44 10.18 -6.51 -0.30
CA ALA A 44 11.03 -6.72 -1.49
C ALA A 44 11.45 -5.41 -2.06
N GLY A 45 11.00 -4.32 -1.41
CA GLY A 45 11.34 -2.90 -1.76
C GLY A 45 10.77 -2.42 -3.08
N GLU A 46 9.65 -3.04 -3.51
CA GLU A 46 9.08 -2.89 -4.87
C GLU A 46 7.90 -1.88 -5.01
N TRP A 47 7.69 -1.04 -4.00
CA TRP A 47 6.55 -0.13 -4.07
C TRP A 47 6.69 0.75 -5.27
N PRO A 48 7.94 1.19 -5.53
CA PRO A 48 8.07 2.10 -6.62
C PRO A 48 7.91 1.41 -7.95
N LEU A 49 8.22 0.10 -8.01
CA LEU A 49 8.07 -0.67 -9.25
C LEU A 49 6.64 -0.96 -9.45
N TRP A 50 6.03 -1.55 -8.44
CA TRP A 50 4.60 -1.89 -8.47
C TRP A 50 3.72 -0.71 -8.90
N LEU A 51 3.91 0.47 -8.30
CA LEU A 51 3.07 1.63 -8.61
C LEU A 51 3.36 2.24 -9.99
N ASP A 52 4.62 2.56 -10.25
CA ASP A 52 5.02 2.99 -11.56
C ASP A 52 4.54 1.99 -12.63
N ALA A 53 4.71 0.69 -12.34
CA ALA A 53 4.29 -0.39 -13.27
C ALA A 53 2.91 -0.14 -13.74
N PHE A 54 2.00 0.00 -12.79
CA PHE A 54 0.62 0.13 -13.16
C PHE A 54 0.14 1.57 -13.37
N PHE A 55 0.68 2.56 -12.64
CA PHE A 55 0.10 3.93 -12.68
C PHE A 55 0.93 5.10 -13.13
N GLU A 56 2.20 4.91 -13.45
CA GLU A 56 2.94 6.11 -13.79
C GLU A 56 2.30 6.65 -15.02
N THR A 57 2.04 5.75 -15.95
CA THR A 57 1.44 6.14 -17.20
C THR A 57 0.29 7.11 -16.96
N THR A 58 -0.59 6.84 -16.01
CA THR A 58 -1.71 7.77 -15.84
C THR A 58 -1.23 9.10 -15.24
N VAL A 59 -0.38 9.07 -14.24
CA VAL A 59 -0.04 10.35 -13.64
C VAL A 59 0.72 11.14 -14.72
N ASP A 60 1.37 10.43 -15.63
CA ASP A 60 2.13 11.12 -16.66
C ASP A 60 1.23 11.72 -17.73
N SER A 61 0.01 11.18 -17.89
CA SER A 61 -0.99 11.77 -18.80
C SER A 61 -1.66 13.05 -18.24
N VAL A 62 -1.84 13.14 -16.93
CA VAL A 62 -2.39 14.38 -16.45
C VAL A 62 -1.34 15.46 -16.37
N SER A 63 -0.09 15.00 -16.24
CA SER A 63 1.11 15.82 -15.91
C SER A 63 1.73 16.65 -17.06
N TYR A 64 1.52 16.21 -18.30
CA TYR A 64 2.16 16.85 -19.45
C TYR A 64 1.19 16.79 -20.62
N GLY A 65 1.39 17.65 -21.62
CA GLY A 65 0.50 17.66 -22.79
C GLY A 65 1.22 17.44 -24.11
N LYS A 66 0.49 16.90 -25.11
CA LYS A 66 1.06 16.69 -26.46
C LYS A 66 0.87 17.96 -27.28
N GLY A 67 1.83 18.21 -28.18
CA GLY A 67 1.75 19.30 -29.14
C GLY A 67 3.00 19.24 -29.98
N ASN A 68 3.62 20.38 -30.21
CA ASN A 68 4.70 20.43 -31.20
C ASN A 68 6.10 20.28 -30.65
N TRP A 69 6.25 19.36 -29.70
CA TRP A 69 7.52 19.19 -28.97
C TRP A 69 7.68 17.69 -28.64
N THR A 70 8.57 17.30 -27.72
CA THR A 70 8.67 15.86 -27.43
C THR A 70 7.69 15.35 -26.34
N SER A 71 7.15 14.14 -26.46
CA SER A 71 6.16 13.69 -25.45
C SER A 71 6.83 13.13 -24.24
N SER A 72 6.23 13.34 -23.09
CA SER A 72 6.86 12.79 -21.91
C SER A 72 6.56 11.33 -22.00
N ALA A 73 7.19 10.57 -21.12
CA ALA A 73 6.88 9.19 -20.88
C ALA A 73 7.49 9.00 -19.49
N ILE A 74 7.14 7.89 -18.85
CA ILE A 74 7.50 7.60 -17.47
C ILE A 74 9.01 7.46 -17.28
N GLN A 75 9.38 7.47 -16.01
CA GLN A 75 10.74 7.65 -15.54
C GLN A 75 11.01 6.31 -14.92
N GLY A 76 9.92 5.71 -14.47
CA GLY A 76 9.97 4.43 -13.82
C GLY A 76 10.75 4.48 -12.53
N PRO A 77 11.17 3.30 -12.08
CA PRO A 77 11.81 3.10 -10.82
C PRO A 77 13.36 3.17 -10.84
N PHE A 78 14.01 3.31 -11.99
CA PHE A 78 15.45 3.08 -11.94
C PHE A 78 16.39 4.25 -12.30
N PHE A 79 15.84 5.45 -12.45
CA PHE A 79 16.73 6.63 -12.54
C PHE A 79 17.63 6.86 -11.31
N LYS A 80 18.80 7.48 -11.51
CA LYS A 80 19.76 7.73 -10.44
C LYS A 80 20.44 9.04 -10.70
N GLU A 81 20.59 9.87 -9.67
CA GLU A 81 21.13 11.21 -9.90
C GLU A 81 22.62 11.25 -9.95
N GLY A 82 23.17 12.39 -10.34
CA GLY A 82 24.61 12.53 -10.44
C GLY A 82 25.36 11.57 -11.35
N ALA A 83 24.71 10.87 -12.30
CA ALA A 83 25.48 10.12 -13.34
C ALA A 83 26.48 10.99 -14.08
N PRO A 84 27.56 10.39 -14.57
CA PRO A 84 28.78 11.05 -15.03
C PRO A 84 28.77 11.64 -16.46
N LEU A 85 29.30 12.85 -16.57
CA LEU A 85 29.58 13.47 -17.89
C LEU A 85 30.40 12.56 -18.82
N LEU A 86 29.81 12.14 -19.92
CA LEU A 86 30.63 11.56 -20.94
C LEU A 86 31.11 12.64 -21.92
N THR A 87 32.42 12.84 -21.94
CA THR A 87 33.14 13.52 -23.03
C THR A 87 34.08 12.51 -23.68
N GLY A 88 34.35 12.69 -24.98
CA GLY A 88 35.01 11.62 -25.74
C GLY A 88 35.15 11.77 -27.25
N LYS A 89 36.02 10.94 -27.81
CA LYS A 89 36.21 10.85 -29.26
C LYS A 89 34.88 10.46 -29.90
N PRO A 90 34.22 9.42 -29.35
CA PRO A 90 32.77 9.22 -29.34
C PRO A 90 32.31 8.82 -27.91
N ALA A 91 31.31 9.53 -27.38
CA ALA A 91 31.01 9.36 -25.96
C ALA A 91 30.28 8.07 -25.79
N THR A 92 30.63 7.32 -24.75
CA THR A 92 30.18 5.96 -24.61
C THR A 92 29.79 5.71 -23.17
N LEU A 93 28.55 5.31 -22.96
CA LEU A 93 28.04 4.92 -21.66
C LEU A 93 29.05 4.06 -20.92
N PRO A 94 29.43 4.45 -19.71
CA PRO A 94 30.30 3.57 -18.95
C PRO A 94 29.74 2.18 -19.01
N MET A 95 30.54 1.18 -19.31
CA MET A 95 29.99 -0.17 -19.47
C MET A 95 31.05 -1.24 -19.23
N ARG A 96 30.63 -2.50 -19.17
CA ARG A 96 31.62 -3.52 -18.78
C ARG A 96 32.45 -4.06 -19.94
N ALA A 97 33.66 -4.47 -19.59
CA ALA A 97 34.47 -5.32 -20.43
C ALA A 97 33.45 -6.28 -20.99
N ASP A 98 33.42 -6.39 -22.32
CA ASP A 98 32.66 -7.41 -23.05
C ASP A 98 31.16 -7.42 -22.73
N GLU A 99 30.68 -6.30 -22.17
CA GLU A 99 29.24 -6.07 -21.92
C GLU A 99 28.42 -6.66 -23.08
N PRO A 100 27.58 -7.68 -22.81
CA PRO A 100 26.86 -8.39 -23.87
C PRO A 100 26.01 -7.48 -24.75
N GLY A 101 25.95 -7.75 -26.04
CA GLY A 101 25.03 -7.04 -26.98
C GLY A 101 25.67 -6.43 -28.21
N ASP A 102 24.87 -5.90 -29.12
CA ASP A 102 25.42 -5.16 -30.26
C ASP A 102 25.63 -3.69 -29.97
N ARG A 103 26.57 -3.10 -30.73
CA ARG A 103 27.01 -1.73 -30.58
C ARG A 103 25.92 -0.89 -31.17
N MET A 104 25.66 0.27 -30.55
CA MET A 104 24.55 1.14 -30.91
C MET A 104 25.05 2.56 -30.86
N ARG A 105 24.87 3.26 -31.98
CA ARG A 105 25.13 4.67 -32.11
C ARG A 105 23.81 5.47 -32.05
N PHE A 106 23.77 6.41 -31.12
CA PHE A 106 22.58 7.20 -30.94
C PHE A 106 22.95 8.58 -31.40
N THR A 107 22.23 9.06 -32.41
CA THR A 107 22.39 10.44 -32.87
C THR A 107 21.09 11.18 -32.79
N GLY A 108 21.17 12.50 -32.81
CA GLY A 108 19.99 13.37 -32.63
C GLY A 108 20.32 14.80 -32.33
N SER A 109 19.36 15.60 -31.86
CA SER A 109 19.61 17.01 -31.52
C SER A 109 18.64 17.47 -30.48
N VAL A 110 18.96 18.55 -29.76
CA VAL A 110 17.97 19.12 -28.81
C VAL A 110 17.64 20.62 -29.08
N ARG A 111 16.37 20.92 -29.31
CA ARG A 111 15.96 22.23 -29.76
C ARG A 111 14.66 22.63 -29.08
N ASP A 112 14.32 23.93 -29.19
CA ASP A 112 12.99 24.48 -28.76
C ASP A 112 11.89 24.57 -29.85
N THR A 113 10.64 24.74 -29.40
CA THR A 113 9.43 24.68 -30.25
C THR A 113 9.47 25.58 -31.50
N SER A 114 10.54 26.37 -31.61
CA SER A 114 10.78 27.32 -32.70
C SER A 114 11.95 26.94 -33.65
N GLY A 115 12.59 25.79 -33.41
CA GLY A 115 13.75 25.41 -34.23
C GLY A 115 15.10 25.69 -33.62
N THR A 116 15.18 26.69 -32.75
CA THR A 116 16.45 27.04 -32.08
C THR A 116 17.03 25.81 -31.32
N PRO A 117 18.34 25.60 -31.42
CA PRO A 117 19.05 24.50 -30.76
C PRO A 117 19.51 24.89 -29.36
N ILE A 118 19.46 23.95 -28.41
CA ILE A 118 19.57 24.33 -26.98
C ILE A 118 20.89 23.97 -26.30
N THR A 119 21.87 24.83 -26.48
CA THR A 119 23.21 24.45 -26.11
C THR A 119 23.35 24.15 -24.61
N GLY A 120 22.40 24.70 -23.83
CA GLY A 120 22.44 24.62 -22.38
C GLY A 120 21.83 23.39 -21.70
N ALA A 121 21.64 22.31 -22.46
CA ALA A 121 21.03 21.06 -21.98
C ALA A 121 21.94 19.85 -21.64
N VAL A 122 21.39 18.91 -20.85
CA VAL A 122 22.12 17.79 -20.37
C VAL A 122 21.11 16.69 -20.50
N ILE A 123 21.48 15.63 -21.21
CA ILE A 123 20.61 14.55 -21.46
C ILE A 123 21.16 13.55 -20.49
N ASP A 124 20.34 12.99 -19.58
CA ASP A 124 20.77 11.84 -18.80
C ASP A 124 20.23 10.68 -19.61
N VAL A 125 20.96 9.56 -19.71
CA VAL A 125 20.35 8.36 -20.25
C VAL A 125 20.53 7.23 -19.24
N TRP A 126 19.61 6.27 -19.20
CA TRP A 126 19.86 5.04 -18.45
C TRP A 126 19.21 3.80 -19.16
N HIS A 127 19.85 2.64 -19.12
CA HIS A 127 19.17 1.45 -19.62
C HIS A 127 19.73 0.29 -18.97
N SER A 128 19.13 -0.83 -19.21
CA SER A 128 19.41 -2.00 -18.41
C SER A 128 20.24 -3.01 -19.21
N THR A 129 21.07 -3.80 -18.56
CA THR A 129 21.91 -4.69 -19.26
C THR A 129 20.98 -5.60 -19.96
N ASN A 130 21.49 -6.37 -20.91
CA ASN A 130 20.67 -7.35 -21.65
C ASN A 130 20.33 -8.48 -20.72
N ASP A 131 21.12 -8.60 -19.67
CA ASP A 131 20.87 -9.58 -18.61
C ASP A 131 19.56 -9.18 -17.95
N GLY A 132 19.23 -7.90 -18.07
CA GLY A 132 17.98 -7.40 -17.54
C GLY A 132 18.11 -6.91 -16.09
N ASN A 133 19.23 -6.26 -15.76
CA ASN A 133 19.29 -5.42 -14.54
C ASN A 133 19.80 -3.96 -14.76
N TYR A 134 19.40 -3.08 -13.83
CA TYR A 134 19.80 -1.68 -13.80
C TYR A 134 20.78 -1.44 -12.64
N SER A 135 21.83 -0.67 -12.88
CA SER A 135 22.82 -0.42 -11.86
C SER A 135 22.17 0.38 -10.72
N PHE A 136 22.68 0.14 -9.52
CA PHE A 136 22.11 0.65 -8.26
C PHE A 136 20.84 -0.04 -7.72
N PHE A 137 20.17 -0.85 -8.54
CA PHE A 137 18.92 -1.45 -8.10
C PHE A 137 18.86 -2.98 -8.13
N SER A 138 19.91 -3.64 -8.67
CA SER A 138 19.99 -5.13 -8.60
C SER A 138 21.06 -5.61 -7.59
N PRO A 139 20.88 -6.80 -6.95
CA PRO A 139 22.06 -7.42 -6.34
C PRO A 139 22.99 -8.16 -7.37
N ALA A 140 22.54 -8.27 -8.64
CA ALA A 140 23.42 -8.77 -9.70
C ALA A 140 24.34 -7.66 -10.33
N LEU A 141 24.21 -6.42 -9.88
CA LEU A 141 25.05 -5.33 -10.42
C LEU A 141 25.58 -4.37 -9.37
N PRO A 142 26.83 -3.88 -9.54
CA PRO A 142 27.38 -2.99 -8.53
C PRO A 142 26.56 -1.76 -8.44
N ASP A 143 26.64 -1.10 -7.30
CA ASP A 143 26.06 0.22 -7.14
C ASP A 143 27.00 1.22 -7.75
N GLN A 144 27.25 1.05 -9.05
CA GLN A 144 28.17 1.94 -9.74
C GLN A 144 27.32 2.46 -10.88
N TYR A 145 27.86 3.40 -11.65
CA TYR A 145 27.14 3.93 -12.78
C TYR A 145 27.49 3.14 -14.05
N LEU A 146 26.74 2.06 -14.33
CA LEU A 146 26.91 1.33 -15.58
C LEU A 146 25.68 1.63 -16.47
N LEU A 147 25.93 1.87 -17.74
CA LEU A 147 24.84 2.21 -18.63
C LEU A 147 24.06 3.44 -18.23
N ARG A 148 24.72 4.46 -17.70
CA ARG A 148 24.06 5.69 -17.24
C ARG A 148 25.14 6.76 -17.46
N GLY A 149 24.73 7.96 -17.88
CA GLY A 149 25.73 8.97 -18.30
C GLY A 149 25.04 10.25 -18.69
N ARG A 150 25.73 11.39 -18.72
CA ARG A 150 25.11 12.61 -19.23
C ARG A 150 25.75 13.12 -20.57
N VAL A 151 24.96 13.56 -21.56
CA VAL A 151 25.51 13.97 -22.88
C VAL A 151 25.21 15.44 -23.09
N VAL A 152 25.98 16.17 -23.88
CA VAL A 152 25.66 17.59 -24.04
C VAL A 152 25.68 18.13 -25.44
N PRO A 153 24.59 18.73 -25.87
CA PRO A 153 24.63 19.11 -27.25
C PRO A 153 25.91 19.88 -27.62
N ALA A 154 26.56 19.50 -28.72
CA ALA A 154 27.64 20.37 -29.26
C ALA A 154 27.00 21.69 -29.61
N GLU A 155 27.81 22.71 -29.86
CA GLU A 155 27.29 24.06 -30.00
C GLU A 155 26.27 24.29 -31.12
N ASP A 156 26.14 23.32 -32.03
CA ASP A 156 25.12 23.31 -33.11
C ASP A 156 23.86 22.48 -32.77
N GLY A 157 23.91 21.79 -31.63
CA GLY A 157 22.74 21.09 -31.11
C GLY A 157 22.72 19.58 -31.32
N SER A 158 23.71 19.07 -32.03
CA SER A 158 23.82 17.65 -32.27
C SER A 158 24.20 16.95 -30.97
N ILE A 159 23.65 15.75 -30.78
CA ILE A 159 24.05 14.85 -29.69
C ILE A 159 24.41 13.55 -30.39
N GLU A 160 25.21 12.71 -29.74
CA GLU A 160 25.54 11.34 -30.21
C GLU A 160 26.27 10.64 -29.09
N PHE A 161 25.86 9.42 -28.78
CA PHE A 161 26.62 8.63 -27.84
C PHE A 161 26.62 7.24 -28.33
N HIS A 162 27.33 6.37 -27.63
CA HIS A 162 27.43 4.99 -28.08
C HIS A 162 27.23 4.11 -26.94
N SER A 163 26.39 3.09 -27.07
CA SER A 163 26.24 2.05 -26.03
C SER A 163 25.92 0.65 -26.64
N ILE A 164 25.59 -0.35 -25.82
CA ILE A 164 25.02 -1.56 -26.39
C ILE A 164 23.63 -1.20 -26.88
N ARG A 165 22.99 -2.04 -27.69
CA ARG A 165 21.60 -1.77 -28.02
C ARG A 165 20.80 -2.58 -27.03
N PRO A 166 19.78 -1.97 -26.38
CA PRO A 166 18.97 -2.61 -25.31
C PRO A 166 17.93 -3.62 -25.80
N VAL A 167 17.62 -4.60 -24.94
CA VAL A 167 16.65 -5.65 -25.27
C VAL A 167 15.53 -5.83 -24.25
N PRO A 168 14.39 -6.39 -24.68
CA PRO A 168 13.22 -6.51 -23.78
C PRO A 168 13.55 -6.91 -22.35
N TYR A 169 13.04 -6.11 -21.41
CA TYR A 169 13.31 -6.25 -19.94
C TYR A 169 12.11 -7.04 -19.41
N GLU A 170 12.30 -7.91 -18.43
CA GLU A 170 11.17 -8.53 -17.76
C GLU A 170 11.35 -8.42 -16.26
N ILE A 171 10.30 -7.94 -15.61
CA ILE A 171 10.31 -7.63 -14.22
C ILE A 171 10.42 -8.99 -13.56
N PRO A 172 11.29 -9.12 -12.54
CA PRO A 172 11.60 -10.39 -11.88
C PRO A 172 10.38 -11.23 -11.62
N LYS A 173 10.26 -12.36 -12.33
CA LYS A 173 9.03 -13.15 -12.32
C LYS A 173 8.67 -13.66 -10.91
N ALA A 174 9.64 -13.63 -10.00
CA ALA A 174 9.43 -14.14 -8.64
C ALA A 174 9.10 -13.06 -7.58
N GLY A 175 9.38 -11.80 -7.87
CA GLY A 175 8.88 -10.74 -6.99
C GLY A 175 7.37 -10.66 -6.91
N PRO A 176 6.85 -9.99 -5.88
CA PRO A 176 5.41 -9.68 -5.84
C PRO A 176 4.86 -9.13 -7.14
N THR A 177 5.60 -8.27 -7.85
CA THR A 177 5.05 -7.68 -9.07
C THR A 177 5.08 -8.67 -10.22
N GLY A 178 6.12 -9.52 -10.26
CA GLY A 178 6.21 -10.49 -11.36
C GLY A 178 5.10 -11.47 -11.17
N GLN A 179 4.96 -11.97 -9.94
CA GLN A 179 3.99 -12.99 -9.55
C GLN A 179 2.52 -12.60 -9.80
N LEU A 180 2.08 -11.46 -9.32
CA LEU A 180 0.80 -10.86 -9.76
C LEU A 180 0.67 -10.82 -11.31
N MET A 181 1.67 -10.30 -11.98
CA MET A 181 1.61 -10.16 -13.41
C MET A 181 1.55 -11.49 -14.15
N ASN A 182 2.33 -12.49 -13.75
CA ASN A 182 2.48 -13.72 -14.57
C ASN A 182 1.51 -14.77 -14.18
N SER A 183 1.42 -14.94 -12.88
CA SER A 183 0.62 -15.97 -12.32
C SER A 183 -0.79 -15.44 -11.98
N TYR A 184 -0.88 -14.61 -10.94
CA TYR A 184 -2.19 -14.17 -10.50
C TYR A 184 -2.99 -13.54 -11.63
N LEU A 185 -2.32 -12.82 -12.55
CA LEU A 185 -3.05 -12.24 -13.71
C LEU A 185 -2.95 -13.05 -14.96
N GLY A 186 -2.25 -14.18 -14.89
CA GLY A 186 -1.96 -14.98 -16.06
C GLY A 186 -1.55 -14.11 -17.24
N ARG A 187 -0.70 -13.14 -16.99
CA ARG A 187 -0.14 -12.39 -18.11
C ARG A 187 1.37 -12.55 -18.33
N HIS A 188 2.06 -11.42 -18.53
CA HIS A 188 3.52 -11.38 -18.47
C HIS A 188 4.01 -10.03 -17.90
N SER A 189 5.32 -10.00 -17.59
CA SER A 189 5.97 -8.85 -16.99
C SER A 189 7.05 -8.26 -17.87
N TRP A 190 6.97 -8.53 -19.17
CA TRP A 190 7.88 -7.95 -20.18
C TRP A 190 7.61 -6.48 -20.55
N ARG A 191 8.67 -5.69 -20.55
CA ARG A 191 8.65 -4.39 -21.21
C ARG A 191 9.45 -4.59 -22.45
N PRO A 192 9.18 -3.81 -23.47
CA PRO A 192 10.00 -3.76 -24.67
C PRO A 192 11.25 -2.97 -24.40
N ALA A 193 12.22 -3.08 -25.28
CA ALA A 193 13.48 -2.43 -25.09
C ALA A 193 13.24 -0.94 -25.02
N HIS A 194 14.09 -0.23 -24.31
CA HIS A 194 13.92 1.26 -24.22
C HIS A 194 15.19 1.96 -23.76
N ILE A 195 15.47 3.13 -24.29
CA ILE A 195 16.41 4.02 -23.68
C ILE A 195 15.56 5.03 -22.94
N HIS A 196 15.89 5.20 -21.66
CA HIS A 196 15.27 6.24 -20.87
C HIS A 196 16.07 7.49 -21.12
N ILE A 197 15.42 8.62 -21.40
CA ILE A 197 16.07 9.93 -21.45
C ILE A 197 15.53 10.85 -20.37
N ARG A 198 16.35 11.70 -19.78
CA ARG A 198 15.87 12.93 -19.07
C ARG A 198 16.66 14.09 -19.56
N ILE A 199 16.02 15.11 -20.17
CA ILE A 199 16.76 16.30 -20.60
C ILE A 199 16.39 17.57 -19.84
N THR A 200 17.34 18.29 -19.26
CA THR A 200 16.99 19.53 -18.60
C THR A 200 17.78 20.64 -19.26
N ALA A 201 17.21 21.85 -19.21
CA ALA A 201 17.88 23.03 -19.60
C ALA A 201 17.17 24.15 -18.84
N ASP A 202 17.92 25.11 -18.31
CA ASP A 202 17.28 26.32 -17.80
C ASP A 202 16.52 26.88 -18.97
N GLY A 203 15.57 27.78 -18.71
CA GLY A 203 14.73 28.32 -19.79
C GLY A 203 13.76 27.27 -20.37
N TYR A 204 13.93 25.97 -20.04
CA TYR A 204 13.02 24.95 -20.55
C TYR A 204 12.42 24.06 -19.45
N ARG A 205 11.28 23.47 -19.80
CA ARG A 205 10.54 22.60 -18.92
C ARG A 205 11.15 21.20 -19.09
N PRO A 206 11.49 20.55 -17.96
CA PRO A 206 12.19 19.28 -17.91
C PRO A 206 11.54 18.25 -18.79
N LEU A 207 12.32 17.30 -19.33
CA LEU A 207 11.73 16.25 -20.18
C LEU A 207 12.12 14.92 -19.64
N ILE A 208 11.12 14.09 -19.34
CA ILE A 208 11.45 12.76 -19.00
C ILE A 208 10.71 11.97 -20.00
N THR A 209 11.42 11.09 -20.70
CA THR A 209 10.78 10.28 -21.76
C THR A 209 11.58 8.97 -22.02
N GLN A 210 11.24 8.23 -23.08
CA GLN A 210 11.79 6.89 -23.33
C GLN A 210 11.72 6.71 -24.81
N LEU A 211 12.75 6.13 -25.38
CA LEU A 211 12.79 5.88 -26.82
C LEU A 211 12.64 4.36 -26.90
N TYR A 212 11.78 3.89 -27.81
CA TYR A 212 11.57 2.46 -28.06
C TYR A 212 12.10 2.09 -29.44
N PHE A 213 12.08 0.78 -29.75
CA PHE A 213 12.51 0.30 -31.09
C PHE A 213 11.46 -0.38 -31.96
N GLU A 214 11.50 -0.08 -33.25
CA GLU A 214 10.58 -0.67 -34.23
C GLU A 214 10.53 -2.20 -34.23
N GLY A 215 9.34 -2.74 -34.54
CA GLY A 215 9.12 -4.19 -34.56
C GLY A 215 9.33 -4.89 -33.22
N ASP A 216 9.61 -4.10 -32.19
CA ASP A 216 9.78 -4.66 -30.86
C ASP A 216 8.64 -5.61 -30.51
N PRO A 217 9.01 -6.86 -30.33
CA PRO A 217 8.18 -7.88 -29.78
C PRO A 217 7.02 -7.30 -28.95
N TYR A 218 7.33 -6.63 -27.84
CA TYR A 218 6.29 -6.20 -26.90
C TYR A 218 5.80 -4.75 -27.08
N LEU A 219 6.03 -4.24 -28.27
CA LEU A 219 5.67 -2.90 -28.64
C LEU A 219 4.25 -2.58 -28.18
N ASP A 220 3.33 -3.55 -28.38
CA ASP A 220 1.90 -3.43 -28.02
C ASP A 220 1.53 -4.23 -26.81
N SER A 221 2.49 -4.52 -25.95
CA SER A 221 2.28 -5.52 -24.96
C SER A 221 2.78 -4.99 -23.60
N ASP A 222 3.30 -3.76 -23.59
CA ASP A 222 4.01 -3.27 -22.41
C ASP A 222 3.34 -3.66 -21.09
N SER A 223 4.06 -4.42 -20.27
CA SER A 223 3.46 -4.83 -19.03
C SER A 223 3.37 -3.61 -18.09
N CYS A 224 3.97 -2.50 -18.52
CA CYS A 224 3.86 -1.21 -17.84
C CYS A 224 2.91 -0.21 -18.56
N SER A 225 2.47 -0.61 -19.75
CA SER A 225 1.59 0.16 -20.67
C SER A 225 2.10 1.56 -21.00
N ALA A 226 3.41 1.70 -21.25
CA ALA A 226 4.02 3.05 -21.33
C ALA A 226 4.40 3.52 -22.68
N VAL A 227 3.83 2.95 -23.72
CA VAL A 227 4.43 3.19 -25.02
C VAL A 227 3.63 4.24 -25.70
N LYS A 228 4.30 5.02 -26.53
CA LYS A 228 3.66 5.98 -27.41
C LYS A 228 4.31 5.91 -28.80
N SER A 229 3.53 5.63 -29.86
CA SER A 229 4.05 5.41 -31.24
C SER A 229 5.09 6.44 -31.72
N GLU A 230 4.84 7.70 -31.40
CA GLU A 230 5.64 8.76 -31.92
C GLU A 230 7.05 8.68 -31.36
N LEU A 231 7.30 7.58 -30.64
CA LEU A 231 8.57 7.38 -29.98
C LEU A 231 9.15 6.01 -30.30
N VAL A 232 8.48 5.23 -31.14
CA VAL A 232 9.03 3.96 -31.56
C VAL A 232 9.96 4.27 -32.68
N LEU A 233 11.20 3.86 -32.52
CA LEU A 233 12.24 4.33 -33.40
C LEU A 233 12.67 3.34 -34.45
N PRO A 234 12.87 3.87 -35.67
CA PRO A 234 13.55 3.16 -36.73
C PRO A 234 15.03 2.92 -36.38
N VAL A 235 15.47 1.68 -36.62
CA VAL A 235 16.86 1.25 -36.48
C VAL A 235 17.44 1.08 -37.87
N ASN A 236 18.69 1.51 -38.05
CA ASN A 236 19.44 1.33 -39.31
C ASN A 236 20.73 0.57 -39.02
N LYS A 237 21.27 -0.07 -40.05
CA LYS A 237 22.38 -1.02 -39.92
C LYS A 237 23.56 -0.73 -40.90
N ILE A 238 24.52 0.04 -40.36
CA ILE A 238 25.78 0.38 -41.03
C ILE A 238 26.93 -0.46 -40.48
N ASP A 239 27.64 -1.10 -41.41
CA ASP A 239 28.89 -1.85 -41.16
C ASP A 239 30.14 -0.97 -41.32
N ILE A 240 31.13 -1.17 -40.44
CA ILE A 240 32.46 -0.54 -40.50
C ILE A 240 33.42 -1.59 -39.98
N ASP A 241 34.31 -2.06 -40.85
CA ASP A 241 35.27 -3.15 -40.56
C ASP A 241 34.53 -4.37 -39.99
N GLY A 242 33.53 -4.82 -40.73
CA GLY A 242 32.71 -6.00 -40.36
C GLY A 242 31.82 -5.86 -39.11
N GLU A 243 31.77 -4.63 -38.57
CA GLU A 243 31.21 -4.30 -37.24
C GLU A 243 29.87 -3.55 -37.31
N THR A 244 28.80 -4.23 -36.86
CA THR A 244 27.38 -3.86 -37.12
C THR A 244 26.80 -2.85 -36.08
N TRP A 245 26.91 -1.55 -36.37
CA TRP A 245 26.30 -0.53 -35.50
C TRP A 245 24.79 -0.47 -35.69
N GLN A 246 24.06 -0.57 -34.62
CA GLN A 246 22.67 -0.18 -34.70
C GLN A 246 22.73 1.33 -34.63
N LEU A 247 22.14 2.00 -35.62
CA LEU A 247 22.03 3.46 -35.61
C LEU A 247 20.62 3.87 -35.27
N VAL A 248 20.52 4.91 -34.49
CA VAL A 248 19.21 5.35 -34.09
C VAL A 248 19.35 6.88 -34.02
N ASP A 249 18.24 7.59 -34.14
CA ASP A 249 18.26 9.05 -34.24
C ASP A 249 16.91 9.65 -33.88
N PHE A 250 16.90 10.47 -32.82
CA PHE A 250 15.68 11.12 -32.34
C PHE A 250 15.99 12.57 -32.07
N ASN A 251 15.06 13.44 -32.45
CA ASN A 251 15.25 14.86 -32.34
C ASN A 251 14.32 15.47 -31.33
N PHE A 252 14.91 15.90 -30.20
CA PHE A 252 14.16 16.40 -29.04
C PHE A 252 13.74 17.86 -29.15
N ILE A 253 12.46 18.08 -28.89
CA ILE A 253 11.98 19.44 -28.66
C ILE A 253 11.57 19.64 -27.21
N LEU A 254 12.21 20.62 -26.58
CA LEU A 254 11.87 21.14 -25.26
C LEU A 254 10.91 22.33 -25.40
N GLN A 255 9.91 22.39 -24.53
CA GLN A 255 9.13 23.62 -24.34
C GLN A 255 9.79 24.64 -23.41
N HIS A 256 9.57 25.89 -23.76
CA HIS A 256 10.03 27.02 -22.97
C HIS A 256 9.40 27.05 -21.60
N ASN A 257 10.04 27.83 -20.74
CA ASN A 257 9.55 28.23 -19.41
C ASN A 257 9.93 27.21 -18.31
N ALA B 2 -8.01 -16.42 -6.62
CA ALA B 2 -8.16 -17.10 -7.95
C ALA B 2 -7.71 -16.27 -9.15
N ASN B 3 -6.71 -16.77 -9.87
CA ASN B 3 -6.43 -16.32 -11.23
C ASN B 3 -7.62 -15.50 -11.76
N THR B 4 -8.85 -16.00 -11.71
CA THR B 4 -9.97 -15.25 -12.31
C THR B 4 -10.66 -14.15 -11.44
N ARG B 5 -11.03 -14.47 -10.21
CA ARG B 5 -11.35 -13.46 -9.20
C ARG B 5 -10.34 -12.32 -9.07
N VAL B 6 -9.03 -12.59 -8.97
CA VAL B 6 -8.09 -11.50 -8.71
C VAL B 6 -8.04 -10.63 -9.92
N ILE B 7 -8.29 -11.21 -11.09
CA ILE B 7 -8.31 -10.47 -12.34
C ILE B 7 -9.48 -9.45 -12.39
N GLU B 8 -10.68 -9.88 -11.98
CA GLU B 8 -11.85 -9.05 -12.21
C GLU B 8 -11.71 -7.79 -11.39
N LEU B 9 -11.15 -7.98 -10.19
CA LEU B 9 -11.03 -6.99 -9.14
C LEU B 9 -9.87 -6.06 -9.42
N PHE B 10 -8.72 -6.64 -9.71
CA PHE B 10 -7.61 -5.84 -9.98
C PHE B 10 -7.92 -4.83 -11.05
N ASP B 11 -8.33 -5.35 -12.20
CA ASP B 11 -8.58 -4.59 -13.40
C ASP B 11 -9.68 -3.57 -13.14
N GLU B 12 -10.57 -3.89 -12.20
CA GLU B 12 -11.54 -2.89 -11.76
C GLU B 12 -10.94 -1.92 -10.75
N PHE B 13 -9.99 -2.39 -9.96
CA PHE B 13 -9.38 -1.53 -8.94
C PHE B 13 -8.47 -0.54 -9.67
N THR B 14 -7.66 -1.10 -10.55
CA THR B 14 -6.88 -0.31 -11.47
C THR B 14 -7.70 0.80 -12.07
N ASP B 15 -8.73 0.47 -12.86
CA ASP B 15 -9.50 1.53 -13.52
C ASP B 15 -9.96 2.68 -12.63
N LEU B 16 -10.44 2.29 -11.44
CA LEU B 16 -10.88 3.18 -10.38
C LEU B 16 -9.75 4.11 -9.99
N ILE B 17 -8.66 3.52 -9.52
CA ILE B 17 -7.45 4.28 -9.19
C ILE B 17 -6.95 5.18 -10.33
N ARG B 18 -7.05 4.74 -11.58
CA ARG B 18 -6.54 5.61 -12.65
C ARG B 18 -7.41 6.81 -12.84
N ASP B 19 -8.71 6.62 -12.62
CA ASP B 19 -9.73 7.65 -12.78
C ASP B 19 -9.60 8.65 -11.67
N PHE B 20 -9.19 8.22 -10.48
CA PHE B 20 -8.93 9.11 -9.36
C PHE B 20 -7.82 10.06 -9.75
N ILE B 21 -6.69 9.48 -10.14
CA ILE B 21 -5.51 10.24 -10.57
C ILE B 21 -5.85 11.26 -11.63
N VAL B 22 -6.67 10.87 -12.60
CA VAL B 22 -6.95 11.72 -13.76
C VAL B 22 -7.87 12.86 -13.35
N ARG B 23 -9.06 12.49 -12.81
CA ARG B 23 -9.98 13.47 -12.20
C ARG B 23 -9.30 14.54 -11.29
N HIS B 24 -8.50 14.18 -10.26
CA HIS B 24 -7.89 15.23 -9.39
C HIS B 24 -6.53 15.74 -9.89
N GLU B 25 -6.20 15.39 -11.12
CA GLU B 25 -4.92 15.84 -11.73
C GLU B 25 -3.68 15.65 -10.86
N ILE B 26 -3.49 14.42 -10.39
CA ILE B 26 -2.48 14.21 -9.38
C ILE B 26 -1.15 14.37 -10.03
N THR B 27 -0.33 15.17 -9.36
CA THR B 27 0.93 15.68 -9.89
C THR B 27 1.95 14.60 -9.72
N THR B 28 3.17 14.86 -10.16
CA THR B 28 4.26 13.93 -9.94
C THR B 28 4.79 13.99 -8.49
N PRO B 29 4.94 15.22 -7.90
CA PRO B 29 5.40 15.32 -6.48
C PRO B 29 4.41 14.63 -5.59
N GLU B 30 3.14 14.90 -5.88
CA GLU B 30 2.08 14.24 -5.19
C GLU B 30 2.26 12.71 -5.24
N TYR B 31 2.18 12.15 -6.45
CA TYR B 31 2.39 10.72 -6.62
C TYR B 31 3.57 10.17 -5.82
N GLU B 32 4.71 10.84 -5.92
CA GLU B 32 5.91 10.45 -5.14
C GLU B 32 5.76 10.58 -3.59
N THR B 33 4.98 11.58 -3.13
CA THR B 33 4.60 11.66 -1.72
C THR B 33 3.79 10.42 -1.33
N ILE B 34 2.79 10.07 -2.11
CA ILE B 34 2.00 8.86 -1.80
C ILE B 34 2.92 7.68 -1.80
N MET B 35 3.83 7.63 -2.77
CA MET B 35 4.81 6.51 -2.82
C MET B 35 5.57 6.31 -1.52
N GLN B 36 6.15 7.39 -0.98
CA GLN B 36 6.86 7.43 0.31
C GLN B 36 5.99 7.10 1.48
N TYR B 37 4.78 7.64 1.52
CA TYR B 37 3.96 7.31 2.67
C TYR B 37 3.70 5.82 2.75
N MET B 38 3.24 5.24 1.65
CA MET B 38 3.15 3.76 1.47
C MET B 38 4.46 3.04 1.79
N ILE B 39 5.60 3.67 1.59
CA ILE B 39 6.84 3.03 2.04
C ILE B 39 6.87 3.13 3.55
N SER B 40 6.63 4.30 4.09
CA SER B 40 6.79 4.50 5.52
C SER B 40 5.94 3.53 6.26
N VAL B 41 4.69 3.46 5.88
CA VAL B 41 3.74 2.60 6.55
C VAL B 41 4.25 1.19 6.59
N GLY B 42 4.96 0.79 5.55
CA GLY B 42 5.46 -0.58 5.44
C GLY B 42 6.75 -0.82 6.18
N GLU B 43 7.55 0.22 6.43
CA GLU B 43 8.77 0.08 7.24
C GLU B 43 8.52 0.15 8.74
N ALA B 44 7.52 0.90 9.18
CA ALA B 44 6.94 0.65 10.49
C ALA B 44 6.22 -0.67 10.27
N GLY B 45 5.63 -1.25 11.31
CA GLY B 45 4.99 -2.54 11.06
C GLY B 45 3.50 -2.35 10.91
N GLU B 46 3.10 -1.41 10.06
CA GLU B 46 1.78 -0.81 10.20
C GLU B 46 0.65 -1.10 9.22
N TRP B 47 0.86 -2.00 8.26
CA TRP B 47 -0.24 -2.25 7.32
C TRP B 47 -1.48 -2.74 8.01
N PRO B 48 -1.33 -3.68 8.95
CA PRO B 48 -2.45 -4.24 9.72
C PRO B 48 -3.20 -3.17 10.48
N LEU B 49 -2.47 -2.29 11.16
CA LEU B 49 -3.14 -1.19 11.87
C LEU B 49 -3.80 -0.27 10.90
N TRP B 50 -3.03 0.13 9.86
CA TRP B 50 -3.49 1.12 8.84
C TRP B 50 -4.73 0.57 8.14
N LEU B 51 -4.58 -0.51 7.37
CA LEU B 51 -5.73 -1.13 6.73
C LEU B 51 -6.92 -1.37 7.70
N ASP B 52 -6.62 -1.84 8.92
CA ASP B 52 -7.72 -2.13 9.83
C ASP B 52 -8.48 -0.90 10.20
N ALA B 53 -7.74 0.20 10.27
CA ALA B 53 -8.29 1.46 10.72
C ALA B 53 -9.18 2.01 9.65
N PHE B 54 -8.84 1.77 8.41
CA PHE B 54 -9.63 2.42 7.33
C PHE B 54 -10.74 1.58 6.78
N PHE B 55 -10.58 0.26 6.74
CA PHE B 55 -11.55 -0.54 5.98
C PHE B 55 -12.03 -1.83 6.63
N GLU B 56 -11.36 -2.36 7.64
CA GLU B 56 -11.86 -3.61 8.21
C GLU B 56 -13.33 -3.49 8.60
N THR B 57 -13.75 -2.36 9.18
CA THR B 57 -15.19 -2.22 9.42
C THR B 57 -15.93 -2.65 8.14
N THR B 58 -15.58 -2.07 6.99
CA THR B 58 -16.35 -2.34 5.78
C THR B 58 -16.13 -3.76 5.29
N VAL B 59 -14.95 -4.32 5.55
CA VAL B 59 -14.73 -5.69 5.18
C VAL B 59 -15.63 -6.55 6.02
N ASP B 60 -15.81 -6.16 7.27
CA ASP B 60 -16.62 -6.92 8.20
C ASP B 60 -18.09 -6.87 7.85
N SER B 61 -18.56 -5.73 7.38
CA SER B 61 -19.94 -5.62 6.95
C SER B 61 -20.20 -6.55 5.76
N VAL B 62 -19.20 -6.74 4.89
CA VAL B 62 -19.38 -7.66 3.77
C VAL B 62 -19.55 -9.11 4.21
N SER B 63 -18.97 -9.46 5.36
CA SER B 63 -18.90 -10.86 5.81
C SER B 63 -19.89 -11.33 6.85
N TYR B 64 -20.37 -10.46 7.73
CA TYR B 64 -21.57 -10.79 8.50
C TYR B 64 -22.75 -10.21 7.77
N GLY B 65 -23.90 -10.15 8.44
CA GLY B 65 -25.04 -9.44 7.88
C GLY B 65 -25.34 -8.28 8.78
N LYS B 66 -26.51 -7.71 8.55
CA LYS B 66 -27.20 -6.84 9.47
C LYS B 66 -28.12 -7.84 10.16
N GLY B 67 -29.14 -7.36 10.84
CA GLY B 67 -30.14 -8.25 11.48
C GLY B 67 -30.09 -8.51 12.99
N ASN B 68 -30.28 -9.79 13.35
CA ASN B 68 -30.34 -10.24 14.76
C ASN B 68 -29.04 -10.78 15.36
N TRP B 69 -28.20 -11.41 14.53
CA TRP B 69 -26.81 -11.77 14.84
C TRP B 69 -26.14 -10.69 15.64
N THR B 70 -25.47 -11.05 16.73
CA THR B 70 -24.73 -10.01 17.43
C THR B 70 -24.03 -9.21 16.35
N SER B 71 -24.15 -7.89 16.48
CA SER B 71 -23.68 -6.96 15.46
C SER B 71 -22.15 -6.89 15.45
N SER B 72 -21.56 -7.33 14.35
CA SER B 72 -20.11 -7.56 14.29
C SER B 72 -19.24 -6.31 14.58
N ALA B 73 -17.95 -6.56 14.80
CA ALA B 73 -16.94 -5.51 14.84
C ALA B 73 -15.60 -6.13 14.45
N ILE B 74 -14.57 -5.28 14.40
CA ILE B 74 -13.28 -5.64 13.82
C ILE B 74 -12.36 -6.33 14.82
N GLN B 75 -11.59 -7.30 14.34
CA GLN B 75 -10.64 -8.05 15.16
C GLN B 75 -9.57 -7.11 15.70
N GLY B 76 -9.31 -6.06 14.93
CA GLY B 76 -8.14 -5.24 15.17
C GLY B 76 -6.94 -6.03 14.71
N PRO B 77 -5.74 -5.55 15.05
CA PRO B 77 -4.49 -6.24 14.79
C PRO B 77 -3.89 -6.73 16.09
N PHE B 78 -4.73 -7.04 17.05
CA PHE B 78 -4.23 -7.37 18.37
C PHE B 78 -4.77 -8.66 18.99
N PHE B 79 -5.38 -9.55 18.19
CA PHE B 79 -5.81 -10.88 18.66
C PHE B 79 -4.60 -11.75 18.95
N LYS B 80 -4.79 -12.86 19.66
CA LYS B 80 -3.70 -13.70 20.12
C LYS B 80 -4.23 -15.08 20.40
N GLU B 81 -3.77 -16.08 19.68
CA GLU B 81 -4.37 -17.39 19.88
C GLU B 81 -3.89 -17.98 21.18
N GLY B 82 -4.73 -18.76 21.82
CA GLY B 82 -4.32 -19.57 22.96
C GLY B 82 -4.41 -18.91 24.31
N ALA B 83 -5.39 -18.03 24.47
CA ALA B 83 -5.71 -17.47 25.78
C ALA B 83 -6.28 -18.56 26.73
N PRO B 84 -5.98 -18.46 28.04
CA PRO B 84 -6.35 -19.55 28.93
C PRO B 84 -7.82 -19.56 29.28
N LEU B 85 -8.41 -20.75 29.19
CA LEU B 85 -9.71 -21.05 29.81
C LEU B 85 -9.69 -20.59 31.25
N LEU B 86 -10.75 -19.93 31.69
CA LEU B 86 -10.83 -19.46 33.06
C LEU B 86 -11.97 -20.16 33.74
N THR B 87 -11.76 -20.59 34.99
CA THR B 87 -12.83 -21.22 35.76
C THR B 87 -13.12 -20.58 37.13
N GLY B 88 -12.06 -20.33 37.91
CA GLY B 88 -12.20 -19.80 39.30
C GLY B 88 -13.57 -19.21 39.61
N LYS B 89 -14.14 -19.50 40.77
CA LYS B 89 -15.55 -19.16 40.99
C LYS B 89 -15.87 -17.72 40.59
N PRO B 90 -15.07 -16.76 41.01
CA PRO B 90 -15.21 -15.37 40.62
C PRO B 90 -15.01 -15.16 39.13
N ALA B 91 -14.13 -15.94 38.50
CA ALA B 91 -13.80 -15.80 37.08
C ALA B 91 -13.21 -14.51 36.50
N THR B 92 -12.17 -13.96 37.10
CA THR B 92 -11.40 -12.81 36.61
C THR B 92 -10.42 -13.04 35.45
N LEU B 93 -10.19 -12.01 34.63
CA LEU B 93 -9.12 -11.96 33.62
C LEU B 93 -7.71 -11.84 34.23
N PRO B 94 -6.75 -12.60 33.69
CA PRO B 94 -5.42 -12.53 34.26
C PRO B 94 -4.89 -11.11 34.22
N MET B 95 -4.60 -10.57 35.40
CA MET B 95 -4.15 -9.20 35.53
C MET B 95 -3.10 -9.10 36.60
N ARG B 96 -2.30 -8.04 36.54
CA ARG B 96 -1.29 -7.78 37.58
C ARG B 96 -1.91 -7.33 38.92
N ALA B 97 -1.15 -7.48 40.01
CA ALA B 97 -1.60 -7.01 41.31
C ALA B 97 -1.79 -5.54 41.19
N ASP B 98 -2.80 -5.05 41.89
CA ASP B 98 -3.19 -3.65 41.89
C ASP B 98 -3.31 -3.14 40.47
N GLU B 99 -3.44 -4.05 39.51
CA GLU B 99 -3.65 -3.71 38.11
C GLU B 99 -4.45 -2.43 38.04
N PRO B 100 -3.91 -1.38 37.40
CA PRO B 100 -4.48 -0.05 37.60
C PRO B 100 -5.95 0.06 37.21
N GLY B 101 -6.61 1.09 37.72
CA GLY B 101 -7.84 1.57 37.13
C GLY B 101 -9.11 0.97 37.66
N ASP B 102 -10.20 1.26 36.98
CA ASP B 102 -11.48 0.88 37.49
C ASP B 102 -11.71 -0.59 37.28
N ARG B 103 -12.10 -1.25 38.35
CA ARG B 103 -12.59 -2.62 38.35
C ARG B 103 -13.93 -2.66 37.63
N MET B 104 -14.15 -3.73 36.87
CA MET B 104 -15.31 -3.87 35.97
C MET B 104 -15.92 -5.30 35.95
N ARG B 105 -17.26 -5.40 35.90
CA ARG B 105 -17.96 -6.69 35.88
C ARG B 105 -18.91 -6.84 34.72
N PHE B 106 -18.82 -7.97 34.04
CA PHE B 106 -19.63 -8.17 32.86
C PHE B 106 -20.53 -9.36 33.05
N THR B 107 -21.81 -9.16 32.75
CA THR B 107 -22.83 -10.23 32.75
C THR B 107 -23.46 -10.34 31.39
N GLY B 108 -24.21 -11.41 31.18
CA GLY B 108 -24.97 -11.54 29.94
C GLY B 108 -25.15 -12.98 29.56
N SER B 109 -25.31 -13.23 28.26
CA SER B 109 -25.71 -14.53 27.77
C SER B 109 -25.27 -14.77 26.33
N VAL B 110 -25.39 -16.02 25.87
CA VAL B 110 -25.06 -16.43 24.49
C VAL B 110 -26.10 -17.43 23.92
N ARG B 111 -27.12 -16.86 23.26
CA ARG B 111 -28.28 -17.59 22.77
C ARG B 111 -28.27 -17.60 21.23
N ASP B 112 -29.18 -18.37 20.62
CA ASP B 112 -29.37 -18.38 19.16
C ASP B 112 -30.64 -17.61 18.77
N THR B 113 -30.86 -17.50 17.45
CA THR B 113 -32.05 -16.84 16.90
C THR B 113 -33.31 -17.01 17.83
N SER B 114 -33.61 -18.25 18.18
CA SER B 114 -34.80 -18.56 18.97
C SER B 114 -34.74 -18.03 20.41
N GLY B 115 -33.55 -17.98 20.99
CA GLY B 115 -33.38 -17.58 22.40
C GLY B 115 -32.93 -18.73 23.29
N THR B 116 -32.68 -19.87 22.68
CA THR B 116 -32.19 -21.06 23.35
C THR B 116 -30.66 -21.03 23.61
N PRO B 117 -30.24 -20.82 24.88
CA PRO B 117 -28.84 -20.83 25.37
C PRO B 117 -27.88 -21.78 24.61
N ILE B 118 -26.71 -21.28 24.17
CA ILE B 118 -25.80 -22.09 23.33
C ILE B 118 -24.53 -22.52 24.03
N THR B 119 -24.48 -23.80 24.38
CA THR B 119 -23.61 -24.30 25.46
C THR B 119 -22.17 -24.55 25.05
N GLY B 120 -21.97 -24.78 23.75
CA GLY B 120 -20.67 -25.07 23.17
C GLY B 120 -19.94 -23.81 22.80
N ALA B 121 -20.58 -22.69 23.08
CA ALA B 121 -19.95 -21.42 22.92
C ALA B 121 -18.70 -21.40 23.78
N VAL B 122 -17.67 -20.82 23.21
CA VAL B 122 -16.44 -20.53 23.89
C VAL B 122 -16.22 -19.06 23.51
N ILE B 123 -15.83 -18.23 24.48
CA ILE B 123 -15.80 -16.80 24.27
C ILE B 123 -14.50 -16.20 24.79
N ASP B 124 -13.73 -15.55 23.90
CA ASP B 124 -12.46 -14.92 24.27
C ASP B 124 -12.73 -13.45 24.49
N VAL B 125 -12.07 -12.88 25.49
CA VAL B 125 -12.12 -11.44 25.68
C VAL B 125 -10.76 -10.92 26.01
N TRP B 126 -10.32 -9.92 25.24
CA TRP B 126 -9.15 -9.13 25.55
C TRP B 126 -9.39 -7.65 25.50
N HIS B 127 -8.48 -6.92 26.10
CA HIS B 127 -8.52 -5.48 26.01
C HIS B 127 -7.20 -4.91 26.47
N SER B 128 -7.12 -3.60 26.54
CA SER B 128 -5.86 -3.02 26.89
C SER B 128 -5.91 -2.39 28.26
N THR B 129 -4.74 -2.21 28.86
CA THR B 129 -4.61 -1.55 30.16
C THR B 129 -5.27 -0.18 30.24
N ASN B 130 -5.59 0.20 31.47
CA ASN B 130 -5.79 1.56 31.86
C ASN B 130 -4.69 2.44 31.25
N ASP B 131 -3.44 1.99 31.23
CA ASP B 131 -2.41 2.77 30.52
C ASP B 131 -2.44 2.69 28.99
N GLY B 132 -3.26 1.81 28.43
CA GLY B 132 -3.41 1.73 26.97
C GLY B 132 -2.40 0.81 26.33
N ASN B 133 -2.08 -0.31 26.97
CA ASN B 133 -1.26 -1.32 26.34
C ASN B 133 -1.95 -2.67 26.21
N TYR B 134 -1.81 -3.35 25.06
CA TYR B 134 -2.20 -4.77 24.87
C TYR B 134 -1.03 -5.70 25.20
N SER B 135 -1.32 -6.79 25.93
CA SER B 135 -0.28 -7.77 26.23
C SER B 135 0.31 -8.18 24.92
N PHE B 136 1.61 -8.39 24.88
CA PHE B 136 2.20 -9.00 23.71
C PHE B 136 2.49 -8.07 22.56
N PHE B 137 2.06 -6.83 22.63
CA PHE B 137 2.35 -5.95 21.51
C PHE B 137 2.99 -4.74 22.09
N SER B 138 3.62 -4.91 23.25
CA SER B 138 4.05 -3.75 23.99
C SER B 138 5.21 -4.03 24.90
N PRO B 139 6.31 -3.25 24.73
CA PRO B 139 7.51 -3.32 25.56
C PRO B 139 7.21 -3.12 27.04
N ALA B 140 6.13 -2.40 27.36
CA ALA B 140 5.82 -2.09 28.77
C ALA B 140 4.98 -3.15 29.49
N LEU B 141 4.71 -4.27 28.81
CA LEU B 141 4.05 -5.43 29.42
C LEU B 141 4.71 -6.72 28.95
N PRO B 142 4.70 -7.78 29.77
CA PRO B 142 5.27 -9.08 29.32
C PRO B 142 4.53 -9.73 28.13
N ASP B 143 5.22 -10.60 27.38
CA ASP B 143 4.60 -11.41 26.33
C ASP B 143 3.92 -12.60 26.98
N GLN B 144 2.87 -12.32 27.75
CA GLN B 144 2.18 -13.29 28.61
C GLN B 144 0.75 -12.85 28.73
N TYR B 145 -0.16 -13.80 28.92
CA TYR B 145 -1.60 -13.50 28.98
C TYR B 145 -2.10 -12.67 30.17
N LEU B 146 -2.23 -11.37 29.92
CA LEU B 146 -2.88 -10.47 30.85
C LEU B 146 -3.96 -9.74 30.15
N LEU B 147 -5.09 -9.59 30.87
CA LEU B 147 -6.37 -9.14 30.35
C LEU B 147 -6.61 -9.77 28.99
N ARG B 148 -6.29 -11.04 28.87
CA ARG B 148 -6.79 -11.81 27.73
C ARG B 148 -7.21 -13.17 28.27
N GLY B 149 -8.36 -13.68 27.83
CA GLY B 149 -8.92 -14.90 28.43
C GLY B 149 -10.08 -15.55 27.71
N ARG B 150 -10.35 -16.81 28.08
CA ARG B 150 -11.49 -17.58 27.59
C ARG B 150 -12.50 -17.97 28.70
N VAL B 151 -13.78 -17.69 28.44
CA VAL B 151 -14.86 -17.95 29.37
C VAL B 151 -15.94 -18.77 28.69
N VAL B 152 -16.50 -19.72 29.42
CA VAL B 152 -17.52 -20.59 28.91
C VAL B 152 -18.88 -20.32 29.56
N PRO B 153 -19.94 -20.29 28.75
CA PRO B 153 -21.25 -20.06 29.27
C PRO B 153 -21.66 -21.18 30.20
N ALA B 154 -22.46 -20.82 31.19
CA ALA B 154 -23.19 -21.80 32.03
C ALA B 154 -24.19 -22.64 31.21
N GLU B 155 -24.97 -23.49 31.87
CA GLU B 155 -25.96 -24.31 31.19
C GLU B 155 -27.18 -23.55 30.68
N ASP B 156 -27.49 -22.40 31.31
CA ASP B 156 -28.78 -21.68 31.12
C ASP B 156 -28.70 -20.46 30.20
N GLY B 157 -27.47 -20.14 29.79
CA GLY B 157 -27.23 -18.93 29.11
C GLY B 157 -26.11 -18.14 29.73
N SER B 158 -26.20 -17.88 31.04
CA SER B 158 -25.42 -16.78 31.66
C SER B 158 -23.87 -16.85 31.52
N ILE B 159 -23.24 -15.68 31.55
CA ILE B 159 -21.79 -15.56 31.48
C ILE B 159 -21.29 -14.46 32.39
N GLU B 160 -20.13 -14.66 33.00
CA GLU B 160 -19.51 -13.64 33.83
C GLU B 160 -17.99 -13.63 33.60
N PHE B 161 -17.39 -12.46 33.42
CA PHE B 161 -15.93 -12.33 33.58
C PHE B 161 -15.67 -11.00 34.24
N HIS B 162 -14.58 -10.96 34.99
CA HIS B 162 -14.18 -9.78 35.75
C HIS B 162 -12.88 -9.28 35.20
N SER B 163 -12.76 -7.97 35.07
CA SER B 163 -11.52 -7.41 34.63
C SER B 163 -11.40 -6.06 35.26
N ILE B 164 -10.65 -5.18 34.61
CA ILE B 164 -10.74 -3.78 34.91
C ILE B 164 -11.36 -3.16 33.71
N ARG B 165 -11.92 -1.97 33.94
CA ARG B 165 -12.60 -1.17 32.93
C ARG B 165 -11.59 -0.68 31.96
N PRO B 166 -11.85 -0.89 30.67
CA PRO B 166 -10.96 -0.32 29.70
C PRO B 166 -11.22 1.19 29.59
N VAL B 167 -10.24 1.94 29.04
CA VAL B 167 -10.36 3.39 28.80
C VAL B 167 -9.86 3.74 27.34
N PRO B 168 -10.14 4.96 26.81
CA PRO B 168 -9.78 5.18 25.38
C PRO B 168 -8.32 4.85 25.06
N TYR B 169 -8.09 4.22 23.90
CA TYR B 169 -6.72 3.93 23.44
C TYR B 169 -6.31 4.86 22.28
N GLU B 170 -5.09 5.35 22.27
CA GLU B 170 -4.66 6.23 21.22
C GLU B 170 -3.57 5.58 20.41
N ILE B 171 -3.77 5.56 19.09
CA ILE B 171 -2.85 4.95 18.13
C ILE B 171 -1.57 5.78 17.99
N PRO B 172 -0.37 5.13 18.12
CA PRO B 172 0.91 5.88 18.20
C PRO B 172 0.91 7.27 17.50
N LYS B 173 1.01 8.33 18.29
CA LYS B 173 0.92 9.68 17.76
C LYS B 173 2.00 10.04 16.70
N ALA B 174 3.10 9.28 16.58
CA ALA B 174 4.17 9.70 15.64
C ALA B 174 4.68 8.68 14.56
N GLY B 175 3.86 7.67 14.31
CA GLY B 175 4.02 6.86 13.12
C GLY B 175 3.06 7.29 12.03
N PRO B 176 3.41 6.99 10.77
CA PRO B 176 2.58 7.24 9.60
C PRO B 176 1.08 7.18 9.88
N THR B 177 0.53 6.07 10.36
CA THR B 177 -0.92 6.07 10.59
C THR B 177 -1.17 7.30 11.40
N GLY B 178 -0.47 7.37 12.53
CA GLY B 178 -0.66 8.44 13.51
C GLY B 178 -0.51 9.80 12.83
N GLN B 179 0.62 10.00 12.17
CA GLN B 179 0.80 11.25 11.44
C GLN B 179 -0.43 11.54 10.57
N LEU B 180 -0.83 10.57 9.76
CA LEU B 180 -1.94 10.78 8.84
C LEU B 180 -3.13 11.20 9.67
N MET B 181 -3.33 10.55 10.80
CA MET B 181 -4.53 10.84 11.56
C MET B 181 -4.43 12.21 12.21
N ASN B 182 -3.21 12.64 12.53
CA ASN B 182 -3.02 13.86 13.32
C ASN B 182 -2.48 14.99 12.49
N SER B 183 -1.32 14.77 11.87
CA SER B 183 -0.68 15.85 11.15
C SER B 183 -1.27 16.17 9.77
N TYR B 184 -1.50 15.17 8.91
CA TYR B 184 -2.00 15.52 7.57
C TYR B 184 -3.52 15.63 7.55
N LEU B 185 -4.19 14.87 8.36
CA LEU B 185 -5.67 14.93 8.36
C LEU B 185 -6.27 15.95 9.35
N GLY B 186 -5.48 16.33 10.38
CA GLY B 186 -5.88 17.32 11.40
C GLY B 186 -6.94 16.80 12.38
N ARG B 187 -6.73 15.62 12.91
CA ARG B 187 -7.80 14.99 13.64
C ARG B 187 -7.20 14.41 14.90
N HIS B 188 -7.53 13.16 15.18
CA HIS B 188 -6.86 12.45 16.26
C HIS B 188 -6.77 10.95 15.99
N SER B 189 -6.05 10.26 16.87
CA SER B 189 -5.79 8.83 16.74
C SER B 189 -6.29 8.13 17.99
N TRP B 190 -7.55 8.33 18.28
CA TRP B 190 -7.99 7.92 19.56
C TRP B 190 -9.14 7.07 19.26
N ARG B 191 -9.14 5.88 19.85
CA ARG B 191 -10.22 4.88 19.73
C ARG B 191 -10.96 4.86 21.04
N PRO B 192 -12.25 4.59 21.01
CA PRO B 192 -13.03 4.70 22.25
C PRO B 192 -12.84 3.48 23.15
N ALA B 193 -12.78 3.70 24.46
CA ALA B 193 -12.70 2.57 25.40
C ALA B 193 -13.47 1.45 24.78
N HIS B 194 -12.86 0.28 24.62
CA HIS B 194 -13.58 -0.86 24.06
C HIS B 194 -13.15 -2.14 24.69
N ILE B 195 -14.04 -3.13 24.73
CA ILE B 195 -13.65 -4.45 25.14
C ILE B 195 -13.88 -5.41 24.01
N HIS B 196 -12.81 -6.06 23.60
CA HIS B 196 -12.85 -6.95 22.46
C HIS B 196 -13.56 -8.25 22.82
N ILE B 197 -14.25 -8.85 21.87
CA ILE B 197 -14.84 -10.17 22.11
C ILE B 197 -14.79 -11.10 20.88
N ARG B 198 -14.36 -12.33 21.08
CA ARG B 198 -14.56 -13.37 20.07
C ARG B 198 -15.17 -14.62 20.65
N ILE B 199 -16.33 -14.96 20.11
CA ILE B 199 -17.19 -16.06 20.53
C ILE B 199 -17.19 -17.17 19.42
N THR B 200 -17.30 -18.43 19.82
CA THR B 200 -17.19 -19.51 18.87
C THR B 200 -18.06 -20.65 19.32
N ALA B 201 -18.66 -21.34 18.34
CA ALA B 201 -19.38 -22.60 18.57
C ALA B 201 -19.55 -23.42 17.28
N ASP B 202 -19.49 -24.75 17.38
CA ASP B 202 -19.76 -25.66 16.24
C ASP B 202 -21.21 -25.65 15.77
N GLY B 203 -21.39 -25.50 14.46
CA GLY B 203 -22.72 -25.41 13.93
C GLY B 203 -23.16 -23.96 13.90
N TYR B 204 -22.30 -23.07 14.39
CA TYR B 204 -22.51 -21.61 14.36
C TYR B 204 -21.37 -20.85 13.65
N ARG B 205 -21.66 -19.66 13.12
CA ARG B 205 -20.67 -18.83 12.37
C ARG B 205 -19.87 -17.92 13.30
N PRO B 206 -18.57 -18.12 13.38
CA PRO B 206 -17.78 -17.53 14.44
C PRO B 206 -18.00 -16.06 14.55
N LEU B 207 -17.98 -15.53 15.76
CA LEU B 207 -18.30 -14.10 15.99
C LEU B 207 -17.19 -13.26 16.62
N ILE B 208 -17.13 -12.02 16.17
CA ILE B 208 -16.09 -11.09 16.56
C ILE B 208 -16.73 -9.75 16.66
N THR B 209 -16.42 -9.01 17.71
CA THR B 209 -17.08 -7.72 17.99
C THR B 209 -16.45 -6.98 19.18
N GLN B 210 -17.09 -5.91 19.65
CA GLN B 210 -16.55 -5.03 20.69
C GLN B 210 -17.66 -4.31 21.44
N LEU B 211 -17.37 -3.98 22.69
CA LEU B 211 -18.37 -3.29 23.49
C LEU B 211 -17.84 -1.96 23.95
N TYR B 212 -18.61 -0.92 23.78
CA TYR B 212 -18.17 0.40 24.20
C TYR B 212 -19.12 0.83 25.27
N PHE B 213 -18.81 1.95 25.91
CA PHE B 213 -19.53 2.44 27.09
C PHE B 213 -20.22 3.77 26.85
N GLU B 214 -21.30 4.02 27.58
CA GLU B 214 -21.95 5.32 27.55
C GLU B 214 -20.97 6.43 27.93
N GLY B 215 -21.29 7.66 27.52
CA GLY B 215 -20.43 8.83 27.76
C GLY B 215 -19.01 8.85 27.19
N ASP B 216 -18.59 7.77 26.53
CA ASP B 216 -17.27 7.68 25.96
C ASP B 216 -17.04 8.80 24.89
N PRO B 217 -16.04 9.66 25.14
CA PRO B 217 -15.93 10.87 24.30
C PRO B 217 -15.80 10.58 22.82
N TYR B 218 -15.07 9.53 22.46
CA TYR B 218 -14.75 9.31 21.07
C TYR B 218 -15.79 8.40 20.42
N LEU B 219 -16.80 8.01 21.19
CA LEU B 219 -17.92 7.26 20.63
C LEU B 219 -18.14 7.83 19.24
N ASP B 220 -18.58 9.09 19.23
CA ASP B 220 -19.11 9.73 18.05
C ASP B 220 -18.05 10.36 17.17
N SER B 221 -16.79 10.01 17.39
CA SER B 221 -15.71 10.32 16.44
C SER B 221 -14.59 9.31 16.53
N ASP B 222 -14.97 8.04 16.70
CA ASP B 222 -14.01 6.93 16.69
C ASP B 222 -13.09 7.11 15.49
N SER B 223 -11.81 6.90 15.73
CA SER B 223 -10.83 7.11 14.68
C SER B 223 -10.92 6.01 13.62
N CYS B 224 -11.26 4.78 14.02
CA CYS B 224 -11.44 3.62 13.10
C CYS B 224 -12.91 3.33 12.69
N SER B 225 -13.80 4.28 12.99
CA SER B 225 -15.24 4.19 12.67
C SER B 225 -15.80 2.80 12.97
N ALA B 226 -15.46 2.31 14.15
CA ALA B 226 -15.87 0.97 14.48
C ALA B 226 -17.21 0.90 15.22
N VAL B 227 -17.71 2.04 15.72
CA VAL B 227 -18.80 2.02 16.72
C VAL B 227 -20.18 1.80 16.15
N LYS B 228 -20.87 0.79 16.66
CA LYS B 228 -22.27 0.62 16.35
C LYS B 228 -23.02 0.89 17.63
N SER B 229 -23.94 1.86 17.57
CA SER B 229 -24.79 2.21 18.71
C SER B 229 -25.20 0.98 19.52
N GLU B 230 -25.76 -0.06 18.87
CA GLU B 230 -26.19 -1.30 19.58
C GLU B 230 -25.10 -2.07 20.32
N LEU B 231 -23.84 -1.67 20.14
CA LEU B 231 -22.73 -2.19 20.91
C LEU B 231 -22.18 -1.20 21.93
N VAL B 232 -22.91 -0.09 22.17
CA VAL B 232 -22.55 0.75 23.32
C VAL B 232 -23.27 0.25 24.58
N LEU B 233 -22.48 0.02 25.63
CA LEU B 233 -22.97 -0.55 26.89
C LEU B 233 -23.31 0.60 27.82
N PRO B 234 -24.50 0.55 28.42
CA PRO B 234 -24.83 1.48 29.51
C PRO B 234 -24.06 1.15 30.80
N VAL B 235 -23.49 2.18 31.43
CA VAL B 235 -22.64 1.99 32.61
C VAL B 235 -23.38 2.25 33.91
N ASN B 236 -23.25 1.31 34.84
CA ASN B 236 -23.78 1.50 36.18
C ASN B 236 -22.68 1.65 37.21
N LYS B 237 -22.46 2.90 37.63
CA LYS B 237 -21.41 3.25 38.57
C LYS B 237 -21.85 2.85 39.96
N ILE B 238 -21.06 1.99 40.58
CA ILE B 238 -21.32 1.53 41.93
C ILE B 238 -20.02 1.48 42.68
N ASP B 239 -20.07 1.91 43.92
CA ASP B 239 -18.87 1.97 44.71
C ASP B 239 -18.98 1.02 45.93
N ILE B 240 -18.18 -0.04 45.92
CA ILE B 240 -18.11 -0.98 47.01
C ILE B 240 -17.01 -0.41 47.88
N ASP B 241 -16.92 0.91 47.75
CA ASP B 241 -16.01 1.82 48.47
C ASP B 241 -14.55 1.53 48.08
N GLY B 242 -14.02 2.37 47.19
CA GLY B 242 -12.64 2.28 46.62
C GLY B 242 -11.86 1.00 46.88
N GLU B 243 -11.89 0.01 45.98
CA GLU B 243 -12.24 0.15 44.57
C GLU B 243 -13.74 0.28 44.21
N THR B 244 -13.98 0.81 43.00
CA THR B 244 -15.31 1.20 42.50
C THR B 244 -15.72 0.47 41.21
N TRP B 245 -16.80 -0.29 41.27
CA TRP B 245 -17.12 -1.19 40.18
C TRP B 245 -17.91 -0.53 39.09
N GLN B 246 -17.51 -0.78 37.85
CA GLN B 246 -18.35 -0.43 36.69
C GLN B 246 -18.92 -1.71 36.12
N LEU B 247 -20.25 -1.86 36.22
CA LEU B 247 -20.95 -3.12 35.90
C LEU B 247 -21.70 -3.03 34.59
N VAL B 248 -21.55 -4.05 33.76
CA VAL B 248 -22.11 -3.97 32.43
C VAL B 248 -22.68 -5.30 32.13
N ASP B 249 -23.47 -5.34 31.06
CA ASP B 249 -24.26 -6.50 30.72
C ASP B 249 -24.60 -6.48 29.24
N PHE B 250 -24.58 -7.64 28.59
CA PHE B 250 -24.92 -7.67 27.19
C PHE B 250 -25.18 -9.07 26.71
N ASN B 251 -26.07 -9.18 25.72
CA ASN B 251 -26.65 -10.44 25.35
C ASN B 251 -26.28 -10.87 23.98
N PHE B 252 -25.27 -11.72 23.91
CA PHE B 252 -24.78 -12.17 22.65
C PHE B 252 -25.73 -13.17 22.01
N ILE B 253 -25.84 -13.08 20.67
CA ILE B 253 -26.54 -14.07 19.83
C ILE B 253 -25.72 -14.32 18.57
N LEU B 254 -25.73 -15.56 18.10
CA LEU B 254 -25.04 -15.95 16.87
C LEU B 254 -25.99 -16.60 15.88
N GLN B 255 -25.56 -16.72 14.64
CA GLN B 255 -26.34 -17.42 13.62
C GLN B 255 -25.91 -18.87 13.44
N HIS B 256 -26.86 -19.73 13.05
CA HIS B 256 -26.64 -21.16 12.91
C HIS B 256 -26.20 -21.61 11.52
N ASN B 257 -25.01 -22.24 11.47
CA ASN B 257 -24.51 -22.95 10.28
C ASN B 257 -24.25 -22.07 9.07
#